data_6XZS
#
_entry.id   6XZS
#
_cell.length_a   62.564
_cell.length_b   71.663
_cell.length_c   121.832
_cell.angle_alpha   90.000
_cell.angle_beta   90.000
_cell.angle_gamma   90.000
#
_symmetry.space_group_name_H-M   'P 21 21 21'
#
loop_
_entity.id
_entity.type
_entity.pdbx_description
1 polymer 'Carbonic anhydrase 1'
2 non-polymer 'ZINC ION'
3 non-polymer 1-[2-[(4-fluorophenyl)methylamino]ethyl]-3-(4-sulfamoylphenyl)urea
4 water water
#
_entity_poly.entity_id   1
_entity_poly.type   'polypeptide(L)'
_entity_poly.pdbx_seq_one_letter_code
;MASPDWGYDDKNGPEQWSKLYPIANGNNQSPVDIKTSETKHDTSLKPISVSYNPATAKEIINVGHSFHVNFEDNDNRSVL
KGGPFSDSYRLFQFHFHWGSTNEHGSEHTVDGVKYSAELHVAHWNSAKYSSLAEAASKADGLAVIGVLMKVGEANPKLQK
VLDALQAIKTKGKRAPFTNFDPSTLLPSSLDFWTYPGSLTHPPLYESVTWIICKESISVSSEQLAQFRSLLSNVEGDNAV
PMQHNNRPTQPLKGRTVRASF
;
_entity_poly.pdbx_strand_id   A,B
#
loop_
_chem_comp.id
_chem_comp.type
_chem_comp.name
_chem_comp.formula
O5K non-polymer 1-[2-[(4-fluorophenyl)methylamino]ethyl]-3-(4-sulfamoylphenyl)urea 'C16 H19 F N4 O3 S'
ZN non-polymer 'ZINC ION' 'Zn 2'
#
# COMPACT_ATOMS: atom_id res chain seq x y z
N ASP A 5 -9.58 23.70 3.25
CA ASP A 5 -9.60 22.43 2.56
C ASP A 5 -10.47 21.42 3.31
N TRP A 6 -11.27 20.68 2.56
CA TRP A 6 -12.09 19.61 3.09
C TRP A 6 -11.39 18.28 2.87
N GLY A 7 -11.77 17.32 3.68
CA GLY A 7 -11.21 15.98 3.57
C GLY A 7 -12.11 14.98 4.25
N TYR A 8 -11.50 13.91 4.74
CA TYR A 8 -12.23 12.88 5.48
C TYR A 8 -11.64 12.65 6.86
N ASP A 9 -10.74 13.52 7.33
CA ASP A 9 -10.24 13.44 8.69
C ASP A 9 -11.29 13.96 9.67
N ASP A 10 -11.04 13.72 10.96
CA ASP A 10 -11.98 14.16 11.99
C ASP A 10 -12.12 15.67 12.00
N LYS A 11 -11.08 16.40 11.58
CA LYS A 11 -11.10 17.86 11.61
C LYS A 11 -11.75 18.48 10.38
N ASN A 12 -11.52 17.92 9.19
CA ASN A 12 -12.04 18.51 7.95
C ASN A 12 -13.05 17.60 7.26
N GLY A 13 -13.59 16.60 7.95
CA GLY A 13 -14.36 15.56 7.31
C GLY A 13 -15.86 15.82 7.25
N PRO A 14 -16.60 14.77 6.88
CA PRO A 14 -18.05 14.94 6.62
C PRO A 14 -18.83 15.61 7.73
N GLU A 15 -18.46 15.49 8.81
CA GLU A 15 -19.27 15.99 9.91
C GLU A 15 -19.11 17.49 10.12
N GLN A 16 -18.01 17.98 9.57
CA GLN A 16 -17.67 19.40 9.63
C GLN A 16 -17.90 20.14 8.31
N TRP A 17 -18.28 19.43 7.24
CA TRP A 17 -18.38 20.06 5.93
C TRP A 17 -19.35 21.24 5.91
N SER A 18 -20.36 21.23 6.76
CA SER A 18 -21.39 22.27 6.69
C SER A 18 -20.84 23.66 7.02
N LYS A 19 -19.72 23.74 7.73
CA LYS A 19 -19.12 25.05 8.02
C LYS A 19 -18.77 25.78 6.74
N LEU A 20 -18.07 25.11 5.82
CA LEU A 20 -17.71 25.68 4.54
C LEU A 20 -18.82 25.53 3.50
N TYR A 21 -19.60 24.44 3.56
CA TYR A 21 -20.63 24.14 2.56
C TYR A 21 -21.96 23.92 3.26
N PRO A 22 -22.75 24.98 3.44
CA PRO A 22 -24.01 24.84 4.19
C PRO A 22 -25.02 23.89 3.56
N ILE A 23 -24.92 23.64 2.25
CA ILE A 23 -25.81 22.69 1.61
C ILE A 23 -25.61 21.26 2.14
N ALA A 24 -24.53 21.03 2.91
CA ALA A 24 -24.32 19.70 3.50
C ALA A 24 -25.49 19.28 4.39
N ASN A 25 -26.24 20.24 4.92
CA ASN A 25 -27.43 19.99 5.70
C ASN A 25 -28.71 20.18 4.90
N GLY A 26 -28.63 20.06 3.57
CA GLY A 26 -29.78 20.30 2.71
C GLY A 26 -30.78 19.16 2.71
N ASN A 27 -31.78 19.32 1.83
CA ASN A 27 -32.90 18.38 1.73
C ASN A 27 -32.70 17.30 0.66
N ASN A 28 -31.63 17.37 -0.11
CA ASN A 28 -31.38 16.42 -1.18
C ASN A 28 -29.96 15.90 -1.14
N GLN A 29 -29.48 15.57 0.07
CA GLN A 29 -28.10 15.15 0.24
C GLN A 29 -27.94 13.65 0.05
N SER A 30 -26.74 13.25 -0.36
CA SER A 30 -26.38 11.89 -0.72
C SER A 30 -25.10 11.53 0.02
N PRO A 31 -24.87 10.25 0.33
CA PRO A 31 -25.70 9.09 0.03
C PRO A 31 -26.86 8.93 1.03
N VAL A 32 -27.68 7.91 0.80
CA VAL A 32 -28.78 7.60 1.70
C VAL A 32 -28.78 6.10 1.96
N ASP A 33 -29.48 5.71 3.02
CA ASP A 33 -29.81 4.32 3.25
C ASP A 33 -31.10 4.00 2.52
N ILE A 34 -31.06 2.99 1.67
CA ILE A 34 -32.22 2.57 0.89
C ILE A 34 -32.97 1.51 1.71
N LYS A 35 -34.15 1.88 2.24
CA LYS A 35 -35.01 0.94 2.96
C LYS A 35 -35.99 0.33 1.95
N THR A 36 -35.84 -0.97 1.69
CA THR A 36 -36.56 -1.58 0.58
C THR A 36 -38.05 -1.71 0.82
N SER A 37 -38.49 -1.72 2.09
CA SER A 37 -39.92 -1.75 2.35
C SER A 37 -40.58 -0.40 2.08
N GLU A 38 -39.79 0.66 1.97
CA GLU A 38 -40.32 1.99 1.70
C GLU A 38 -40.11 2.43 0.26
N THR A 39 -39.47 1.61 -0.57
CA THR A 39 -39.29 1.99 -1.96
C THR A 39 -40.61 1.87 -2.70
N LYS A 40 -40.74 2.67 -3.77
CA LYS A 40 -41.95 2.71 -4.56
C LYS A 40 -41.61 2.24 -5.97
N HIS A 41 -42.15 1.08 -6.35
CA HIS A 41 -41.96 0.62 -7.72
C HIS A 41 -42.66 1.57 -8.68
N ASP A 42 -41.96 1.92 -9.76
CA ASP A 42 -42.46 2.85 -10.76
C ASP A 42 -42.43 2.14 -12.11
N THR A 43 -43.63 1.88 -12.65
CA THR A 43 -43.76 1.23 -13.95
C THR A 43 -43.39 2.14 -15.11
N SER A 44 -43.24 3.45 -14.88
CA SER A 44 -42.79 4.36 -15.92
C SER A 44 -41.27 4.37 -16.09
N LEU A 45 -40.52 3.80 -15.16
CA LEU A 45 -39.08 3.73 -15.29
C LEU A 45 -38.71 2.75 -16.39
N LYS A 46 -37.98 3.23 -17.39
CA LYS A 46 -37.49 2.41 -18.48
C LYS A 46 -36.17 1.76 -18.08
N PRO A 47 -35.71 0.75 -18.82
CA PRO A 47 -34.40 0.17 -18.51
C PRO A 47 -33.29 1.18 -18.73
N ILE A 48 -32.25 1.04 -17.90
CA ILE A 48 -31.01 1.79 -18.09
C ILE A 48 -30.32 1.31 -19.37
N SER A 49 -29.88 2.24 -20.19
CA SER A 49 -29.12 1.92 -21.39
C SER A 49 -27.82 2.72 -21.37
N VAL A 50 -26.68 2.02 -21.31
CA VAL A 50 -25.38 2.66 -21.41
C VAL A 50 -24.69 2.18 -22.69
N SER A 51 -24.04 3.12 -23.38
CA SER A 51 -23.31 2.83 -24.60
C SER A 51 -22.07 3.71 -24.56
N TYR A 52 -20.95 3.12 -24.16
CA TYR A 52 -19.69 3.84 -23.98
C TYR A 52 -18.69 3.45 -25.05
N ASN A 53 -17.98 4.44 -25.57
CA ASN A 53 -16.92 4.21 -26.55
C ASN A 53 -15.59 4.11 -25.82
N PRO A 54 -14.84 3.01 -25.94
CA PRO A 54 -13.57 2.90 -25.20
C PRO A 54 -12.57 3.97 -25.59
N ALA A 55 -12.71 4.57 -26.78
CA ALA A 55 -11.80 5.62 -27.22
C ALA A 55 -11.97 6.91 -26.44
N THR A 56 -13.06 7.08 -25.68
CA THR A 56 -13.24 8.29 -24.87
C THR A 56 -12.43 8.26 -23.58
N ALA A 57 -11.91 7.11 -23.15
CA ALA A 57 -11.09 7.08 -21.95
C ALA A 57 -9.87 7.97 -22.13
N LYS A 58 -9.58 8.80 -21.12
CA LYS A 58 -8.55 9.85 -21.27
C LYS A 58 -7.42 9.73 -20.27
N GLU A 59 -7.68 9.80 -18.97
CA GLU A 59 -6.65 10.11 -18.00
C GLU A 59 -7.06 9.60 -16.64
N ILE A 60 -6.08 9.16 -15.85
CA ILE A 60 -6.31 8.79 -14.45
C ILE A 60 -5.51 9.75 -13.58
N ILE A 61 -6.11 10.21 -12.48
CA ILE A 61 -5.52 11.29 -11.69
C ILE A 61 -5.69 11.01 -10.20
N ASN A 62 -4.62 11.21 -9.43
CA ASN A 62 -4.69 11.19 -7.98
C ASN A 62 -5.14 12.58 -7.53
N VAL A 63 -6.34 12.66 -6.95
CA VAL A 63 -6.90 13.91 -6.48
C VAL A 63 -6.78 14.05 -4.96
N GLY A 64 -5.85 13.31 -4.34
CA GLY A 64 -5.57 13.49 -2.93
C GLY A 64 -6.44 12.68 -2.01
N HIS A 65 -7.76 12.84 -2.14
CA HIS A 65 -8.71 12.08 -1.35
C HIS A 65 -9.22 10.84 -2.08
N SER A 66 -8.90 10.71 -3.36
CA SER A 66 -9.38 9.58 -4.16
C SER A 66 -8.57 9.60 -5.45
N PHE A 67 -8.99 8.80 -6.43
CA PHE A 67 -8.48 8.90 -7.79
C PHE A 67 -9.65 8.88 -8.75
N HIS A 68 -9.47 9.54 -9.89
CA HIS A 68 -10.52 9.67 -10.89
C HIS A 68 -10.02 9.18 -12.24
N VAL A 69 -10.89 8.53 -12.98
CA VAL A 69 -10.65 8.16 -14.37
C VAL A 69 -11.56 9.02 -15.21
N ASN A 70 -10.98 9.93 -16.00
CA ASN A 70 -11.75 10.91 -16.74
C ASN A 70 -11.83 10.54 -18.20
N PHE A 71 -12.90 11.01 -18.85
CA PHE A 71 -13.23 10.67 -20.22
C PHE A 71 -13.38 11.96 -21.04
N GLU A 72 -12.99 11.86 -22.31
CA GLU A 72 -13.33 12.90 -23.29
C GLU A 72 -14.84 13.06 -23.35
N ASP A 73 -15.32 14.30 -23.22
CA ASP A 73 -16.75 14.55 -23.19
C ASP A 73 -17.14 15.64 -24.19
N ASN A 74 -16.46 15.68 -25.33
CA ASN A 74 -16.77 16.67 -26.36
C ASN A 74 -17.93 16.27 -27.27
N ASP A 75 -18.39 15.02 -27.21
CA ASP A 75 -19.49 14.57 -28.05
C ASP A 75 -20.21 13.42 -27.35
N ASN A 76 -21.16 12.82 -28.05
CA ASN A 76 -22.02 11.77 -27.49
C ASN A 76 -21.54 10.37 -27.81
N ARG A 77 -20.23 10.16 -27.88
CA ARG A 77 -19.72 8.80 -28.09
C ARG A 77 -20.06 7.89 -26.91
N SER A 78 -20.13 8.43 -25.69
CA SER A 78 -20.36 7.63 -24.49
C SER A 78 -21.53 8.24 -23.73
N VAL A 79 -22.67 7.55 -23.73
CA VAL A 79 -23.89 8.13 -23.17
C VAL A 79 -24.64 7.12 -22.30
N LEU A 80 -25.39 7.67 -21.35
CA LEU A 80 -26.38 6.96 -20.56
C LEU A 80 -27.77 7.48 -20.94
N LYS A 81 -28.70 6.56 -21.15
CA LYS A 81 -30.08 6.87 -21.53
C LYS A 81 -31.03 5.94 -20.78
N GLY A 82 -32.32 6.28 -20.81
CA GLY A 82 -33.32 5.43 -20.21
C GLY A 82 -33.53 5.72 -18.73
N GLY A 83 -33.98 4.72 -17.99
CA GLY A 83 -34.28 4.92 -16.59
C GLY A 83 -35.33 5.99 -16.40
N PRO A 84 -35.07 6.94 -15.50
CA PRO A 84 -35.98 8.06 -15.30
C PRO A 84 -35.76 9.22 -16.28
N PHE A 85 -34.85 9.08 -17.23
CA PHE A 85 -34.37 10.21 -18.02
C PHE A 85 -35.07 10.29 -19.36
N SER A 86 -35.40 11.51 -19.78
CA SER A 86 -35.75 11.75 -21.16
C SER A 86 -34.55 12.27 -21.96
N ASP A 87 -33.59 12.87 -21.27
CA ASP A 87 -32.39 13.42 -21.89
C ASP A 87 -31.26 12.40 -21.90
N SER A 88 -30.38 12.52 -22.88
CA SER A 88 -29.13 11.76 -22.91
C SER A 88 -28.10 12.41 -21.99
N TYR A 89 -27.39 11.57 -21.23
CA TYR A 89 -26.34 12.06 -20.34
C TYR A 89 -24.98 11.53 -20.79
N ARG A 90 -23.99 12.40 -20.81
CA ARG A 90 -22.68 12.11 -21.36
C ARG A 90 -21.72 11.68 -20.24
N LEU A 91 -21.07 10.51 -20.42
CA LEU A 91 -20.08 10.04 -19.47
C LEU A 91 -18.93 11.04 -19.35
N PHE A 92 -18.50 11.32 -18.11
CA PHE A 92 -17.27 12.08 -17.94
C PHE A 92 -16.28 11.50 -16.95
N GLN A 93 -16.68 10.61 -16.06
CA GLN A 93 -15.72 10.13 -15.06
C GLN A 93 -16.30 8.89 -14.37
N PHE A 94 -15.41 8.01 -13.90
CA PHE A 94 -15.78 7.06 -12.85
C PHE A 94 -14.71 7.06 -11.77
N HIS A 95 -15.12 6.67 -10.57
CA HIS A 95 -14.23 6.64 -9.42
C HIS A 95 -14.83 5.70 -8.39
N PHE A 96 -14.11 5.49 -7.28
CA PHE A 96 -14.55 4.57 -6.24
C PHE A 96 -14.56 5.30 -4.90
N HIS A 97 -15.33 4.75 -3.96
CA HIS A 97 -15.15 5.08 -2.55
C HIS A 97 -14.89 3.79 -1.79
N TRP A 98 -14.13 3.90 -0.70
CA TRP A 98 -13.82 2.74 0.12
C TRP A 98 -13.70 3.19 1.57
N GLY A 99 -13.55 2.22 2.47
CA GLY A 99 -13.48 2.47 3.90
C GLY A 99 -12.18 1.97 4.50
N SER A 100 -12.04 2.26 5.80
CA SER A 100 -10.81 1.88 6.53
C SER A 100 -10.62 0.38 6.60
N THR A 101 -11.71 -0.39 6.67
CA THR A 101 -11.61 -1.84 6.64
C THR A 101 -12.73 -2.37 5.75
N ASN A 102 -12.75 -3.70 5.58
CA ASN A 102 -13.75 -4.32 4.73
C ASN A 102 -15.18 -4.13 5.23
N GLU A 103 -15.38 -3.90 6.53
CA GLU A 103 -16.75 -3.92 7.07
C GLU A 103 -17.56 -2.75 6.56
N HIS A 104 -16.90 -1.72 6.02
CA HIS A 104 -17.57 -0.54 5.54
C HIS A 104 -16.78 -0.03 4.35
N GLY A 105 -17.34 0.94 3.66
CA GLY A 105 -16.62 1.40 2.51
C GLY A 105 -17.56 1.97 1.48
N SER A 106 -18.75 1.40 1.36
CA SER A 106 -19.73 1.98 0.46
C SER A 106 -20.28 3.29 1.01
N GLU A 107 -20.89 4.08 0.13
CA GLU A 107 -21.58 5.30 0.52
C GLU A 107 -23.06 5.03 0.74
N HIS A 108 -23.75 4.54 -0.29
CA HIS A 108 -25.10 4.07 -0.09
C HIS A 108 -25.09 2.78 0.72
N THR A 109 -26.16 2.59 1.48
CA THR A 109 -26.40 1.33 2.18
C THR A 109 -27.79 0.86 1.79
N VAL A 110 -28.04 -0.44 1.94
CA VAL A 110 -29.34 -1.02 1.61
C VAL A 110 -29.83 -1.79 2.84
N ASP A 111 -30.96 -1.34 3.38
CA ASP A 111 -31.52 -1.87 4.62
C ASP A 111 -30.46 -1.92 5.72
N GLY A 112 -29.67 -0.85 5.81
CA GLY A 112 -28.65 -0.71 6.82
C GLY A 112 -27.37 -1.46 6.57
N VAL A 113 -27.29 -2.27 5.52
CA VAL A 113 -26.10 -3.07 5.27
C VAL A 113 -25.07 -2.22 4.54
N LYS A 114 -23.81 -2.18 5.06
CA LYS A 114 -22.69 -1.45 4.49
C LYS A 114 -21.86 -2.37 3.61
N TYR A 115 -21.49 -2.04 2.47
CA TYR A 115 -20.63 -2.84 1.62
C TYR A 115 -19.20 -2.29 1.70
N SER A 116 -18.27 -2.96 1.01
CA SER A 116 -16.84 -2.68 1.20
C SER A 116 -16.36 -1.49 0.39
N ALA A 117 -17.07 -1.16 -0.68
CA ALA A 117 -16.67 -0.07 -1.57
C ALA A 117 -17.85 0.24 -2.46
N GLU A 118 -17.69 1.24 -3.32
CA GLU A 118 -18.77 1.66 -4.18
C GLU A 118 -18.16 2.30 -5.42
N LEU A 119 -18.68 1.91 -6.58
CA LEU A 119 -18.25 2.46 -7.86
C LEU A 119 -19.26 3.54 -8.27
N HIS A 120 -18.76 4.69 -8.73
CA HIS A 120 -19.60 5.76 -9.22
C HIS A 120 -19.22 6.05 -10.66
N VAL A 121 -20.21 6.05 -11.56
CA VAL A 121 -20.00 6.35 -12.97
C VAL A 121 -20.84 7.59 -13.26
N ALA A 122 -20.17 8.71 -13.58
CA ALA A 122 -20.81 10.01 -13.56
C ALA A 122 -20.99 10.56 -14.97
N HIS A 123 -22.13 11.23 -15.18
CA HIS A 123 -22.54 11.72 -16.49
C HIS A 123 -23.16 13.10 -16.32
N TRP A 124 -23.16 13.91 -17.40
CA TRP A 124 -23.80 15.22 -17.34
C TRP A 124 -24.75 15.44 -18.52
N ASN A 125 -25.75 16.28 -18.28
CA ASN A 125 -26.89 16.45 -19.17
C ASN A 125 -26.50 17.33 -20.36
N SER A 126 -26.10 16.69 -21.46
CA SER A 126 -25.67 17.42 -22.65
C SER A 126 -26.84 17.78 -23.57
N ALA A 127 -28.04 17.28 -23.28
CA ALA A 127 -29.22 17.73 -24.03
C ALA A 127 -29.61 19.14 -23.62
N LYS A 128 -29.36 19.50 -22.36
CA LYS A 128 -29.78 20.79 -21.84
C LYS A 128 -28.67 21.79 -21.65
N TYR A 129 -27.44 21.32 -21.37
CA TYR A 129 -26.34 22.20 -21.02
C TYR A 129 -25.16 21.95 -21.96
N SER A 130 -24.24 22.92 -22.00
CA SER A 130 -23.13 22.87 -22.95
CA SER A 130 -23.12 22.91 -22.93
C SER A 130 -21.84 22.34 -22.35
N SER A 131 -21.78 22.11 -21.03
CA SER A 131 -20.55 21.61 -20.44
C SER A 131 -20.83 21.03 -19.07
N LEU A 132 -19.88 20.25 -18.56
CA LEU A 132 -19.94 19.78 -17.18
C LEU A 132 -20.00 20.95 -16.21
N ALA A 133 -19.20 22.00 -16.45
CA ALA A 133 -19.17 23.14 -15.54
C ALA A 133 -20.53 23.81 -15.44
N GLU A 134 -21.27 23.91 -16.55
CA GLU A 134 -22.62 24.47 -16.49
C GLU A 134 -23.58 23.51 -15.80
N ALA A 135 -23.49 22.21 -16.15
CA ALA A 135 -24.46 21.24 -15.67
C ALA A 135 -24.31 20.92 -14.19
N ALA A 136 -23.09 21.03 -13.65
CA ALA A 136 -22.80 20.46 -12.34
C ALA A 136 -23.65 21.05 -11.22
N SER A 137 -24.19 22.26 -11.38
CA SER A 137 -24.99 22.87 -10.32
C SER A 137 -26.48 22.88 -10.62
N LYS A 138 -26.92 22.29 -11.73
CA LYS A 138 -28.32 22.25 -12.11
C LYS A 138 -29.00 21.01 -11.53
N ALA A 139 -30.26 21.16 -11.12
CA ALA A 139 -30.97 20.06 -10.47
C ALA A 139 -31.02 18.83 -11.34
N ASP A 140 -31.19 19.02 -12.65
CA ASP A 140 -31.19 17.92 -13.62
C ASP A 140 -29.87 17.79 -14.35
N GLY A 141 -28.79 18.28 -13.77
CA GLY A 141 -27.51 18.34 -14.46
C GLY A 141 -26.71 17.06 -14.52
N LEU A 142 -26.71 16.26 -13.44
CA LEU A 142 -25.82 15.11 -13.33
C LEU A 142 -26.60 13.83 -13.15
N ALA A 143 -26.02 12.72 -13.63
CA ALA A 143 -26.57 11.38 -13.40
C ALA A 143 -25.41 10.48 -13.03
N VAL A 144 -25.49 9.83 -11.88
CA VAL A 144 -24.41 8.98 -11.40
C VAL A 144 -24.97 7.59 -11.14
N ILE A 145 -24.37 6.58 -11.73
CA ILE A 145 -24.66 5.18 -11.41
C ILE A 145 -23.78 4.77 -10.23
N GLY A 146 -24.39 4.21 -9.20
CA GLY A 146 -23.66 3.65 -8.08
C GLY A 146 -23.82 2.13 -8.09
N VAL A 147 -22.69 1.44 -7.92
CA VAL A 147 -22.65 -0.02 -7.81
C VAL A 147 -21.99 -0.36 -6.49
N LEU A 148 -22.69 -1.13 -5.65
CA LEU A 148 -22.14 -1.56 -4.39
C LEU A 148 -21.15 -2.70 -4.62
N MET A 149 -20.01 -2.64 -3.93
CA MET A 149 -18.94 -3.62 -4.12
C MET A 149 -18.81 -4.46 -2.86
N LYS A 150 -19.09 -5.75 -3.01
CA LYS A 150 -19.14 -6.67 -1.88
C LYS A 150 -17.84 -7.47 -1.82
N VAL A 151 -17.19 -7.45 -0.66
CA VAL A 151 -15.89 -8.12 -0.56
C VAL A 151 -16.07 -9.62 -0.75
N GLY A 152 -15.19 -10.21 -1.54
CA GLY A 152 -15.26 -11.62 -1.88
C GLY A 152 -14.18 -11.95 -2.90
N GLU A 153 -14.57 -12.60 -4.00
CA GLU A 153 -13.59 -12.99 -5.00
C GLU A 153 -13.00 -11.77 -5.70
N ALA A 154 -11.75 -11.91 -6.13
CA ALA A 154 -11.10 -10.88 -6.92
C ALA A 154 -11.89 -10.61 -8.19
N ASN A 155 -12.01 -9.34 -8.55
CA ASN A 155 -12.77 -8.93 -9.71
C ASN A 155 -11.82 -8.66 -10.86
N PRO A 156 -11.71 -9.54 -11.85
CA PRO A 156 -10.73 -9.31 -12.92
C PRO A 156 -11.01 -8.08 -13.77
N LYS A 157 -12.25 -7.59 -13.80
CA LYS A 157 -12.56 -6.42 -14.61
C LYS A 157 -11.91 -5.16 -14.07
N LEU A 158 -11.50 -5.15 -12.80
CA LEU A 158 -10.79 -4.02 -12.23
C LEU A 158 -9.32 -3.95 -12.64
N GLN A 159 -8.81 -4.91 -13.41
CA GLN A 159 -7.36 -5.10 -13.53
C GLN A 159 -6.66 -3.89 -14.12
N LYS A 160 -7.18 -3.35 -15.23
CA LYS A 160 -6.52 -2.21 -15.86
C LYS A 160 -6.46 -1.03 -14.90
N VAL A 161 -7.55 -0.81 -14.14
CA VAL A 161 -7.57 0.28 -13.17
C VAL A 161 -6.50 0.08 -12.10
N LEU A 162 -6.49 -1.12 -11.51
CA LEU A 162 -5.52 -1.41 -10.46
C LEU A 162 -4.08 -1.29 -10.95
N ASP A 163 -3.80 -1.81 -12.16
CA ASP A 163 -2.45 -1.73 -12.69
C ASP A 163 -2.01 -0.31 -12.99
N ALA A 164 -2.96 0.62 -13.07
CA ALA A 164 -2.60 2.00 -13.38
C ALA A 164 -2.16 2.78 -12.16
N LEU A 165 -2.54 2.33 -10.96
CA LEU A 165 -2.36 3.12 -9.76
C LEU A 165 -0.89 3.37 -9.45
N GLN A 166 0.00 2.44 -9.81
CA GLN A 166 1.40 2.63 -9.47
C GLN A 166 2.02 3.83 -10.16
N ALA A 167 1.38 4.36 -11.20
CA ALA A 167 1.87 5.56 -11.87
C ALA A 167 1.29 6.84 -11.30
N ILE A 168 0.33 6.76 -10.38
CA ILE A 168 -0.25 7.97 -9.81
C ILE A 168 -0.30 7.83 -8.29
N LYS A 169 0.81 7.38 -7.69
CA LYS A 169 0.79 7.03 -6.28
C LYS A 169 0.51 8.22 -5.38
N THR A 170 0.97 9.42 -5.75
CA THR A 170 0.90 10.59 -4.88
C THR A 170 0.04 11.69 -5.49
N LYS A 171 -0.42 12.58 -4.62
CA LYS A 171 -1.40 13.60 -4.98
C LYS A 171 -0.93 14.46 -6.15
N GLY A 172 -1.79 14.61 -7.14
CA GLY A 172 -1.50 15.43 -8.30
C GLY A 172 -0.94 14.69 -9.49
N LYS A 173 -0.41 13.48 -9.29
CA LYS A 173 0.08 12.70 -10.40
C LYS A 173 -1.07 12.29 -11.30
N ARG A 174 -0.79 12.23 -12.60
CA ARG A 174 -1.80 11.86 -13.58
C ARG A 174 -1.10 11.14 -14.72
N ALA A 175 -1.88 10.34 -15.44
CA ALA A 175 -1.31 9.53 -16.51
C ALA A 175 -2.37 9.22 -17.54
N PRO A 176 -1.99 9.01 -18.79
CA PRO A 176 -2.96 8.55 -19.79
C PRO A 176 -3.59 7.25 -19.35
N PHE A 177 -4.88 7.12 -19.64
CA PHE A 177 -5.66 5.91 -19.32
C PHE A 177 -6.64 5.78 -20.47
N THR A 178 -6.32 4.90 -21.42
CA THR A 178 -6.98 4.90 -22.71
C THR A 178 -7.60 3.55 -23.00
N ASN A 179 -8.51 3.56 -23.98
CA ASN A 179 -9.11 2.35 -24.55
C ASN A 179 -9.74 1.47 -23.47
N PHE A 180 -10.69 2.06 -22.75
CA PHE A 180 -11.37 1.36 -21.67
C PHE A 180 -12.83 1.72 -21.65
N ASP A 181 -13.69 0.71 -21.59
CA ASP A 181 -15.14 0.87 -21.54
C ASP A 181 -15.62 0.53 -20.13
N PRO A 182 -16.02 1.51 -19.32
CA PRO A 182 -16.39 1.18 -17.93
C PRO A 182 -17.74 0.48 -17.78
N SER A 183 -18.51 0.30 -18.85
CA SER A 183 -19.69 -0.57 -18.73
C SER A 183 -19.30 -2.01 -18.40
N THR A 184 -18.04 -2.39 -18.67
CA THR A 184 -17.54 -3.70 -18.26
C THR A 184 -17.48 -3.88 -16.74
N LEU A 185 -17.58 -2.80 -15.97
CA LEU A 185 -17.56 -2.87 -14.52
C LEU A 185 -18.95 -3.03 -13.92
N LEU A 186 -20.00 -2.81 -14.71
CA LEU A 186 -21.36 -2.85 -14.18
C LEU A 186 -21.81 -4.29 -13.93
N PRO A 187 -22.74 -4.49 -13.00
CA PRO A 187 -23.29 -5.83 -12.79
C PRO A 187 -24.10 -6.29 -13.99
N SER A 188 -24.36 -7.60 -14.04
CA SER A 188 -25.02 -8.17 -15.20
C SER A 188 -26.47 -7.71 -15.32
N SER A 189 -27.16 -7.53 -14.20
CA SER A 189 -28.49 -6.94 -14.20
C SER A 189 -28.40 -5.47 -13.84
N LEU A 190 -29.18 -4.65 -14.54
CA LEU A 190 -29.20 -3.21 -14.29
C LEU A 190 -30.51 -2.77 -13.64
N ASP A 191 -31.22 -3.69 -12.96
CA ASP A 191 -32.29 -3.29 -12.06
C ASP A 191 -31.75 -2.26 -11.06
N PHE A 192 -32.53 -1.22 -10.80
CA PHE A 192 -31.98 -0.10 -10.06
C PHE A 192 -33.02 0.56 -9.16
N TRP A 193 -32.50 1.32 -8.19
CA TRP A 193 -33.23 2.33 -7.44
C TRP A 193 -32.81 3.70 -7.96
N THR A 194 -33.72 4.67 -7.87
CA THR A 194 -33.37 6.03 -8.22
C THR A 194 -34.00 7.01 -7.25
N TYR A 195 -33.28 8.09 -6.95
CA TYR A 195 -33.78 9.16 -6.11
C TYR A 195 -33.01 10.43 -6.46
N PRO A 196 -33.58 11.60 -6.16
CA PRO A 196 -32.86 12.86 -6.41
C PRO A 196 -31.93 13.20 -5.25
N GLY A 197 -30.66 13.47 -5.53
CA GLY A 197 -29.67 13.68 -4.49
C GLY A 197 -28.58 14.62 -4.91
N SER A 198 -27.38 14.35 -4.42
CA SER A 198 -26.31 15.33 -4.45
C SER A 198 -24.99 14.65 -4.72
N LEU A 199 -23.99 15.47 -5.09
CA LEU A 199 -22.60 15.06 -4.92
C LEU A 199 -22.37 14.61 -3.48
N THR A 200 -21.58 13.57 -3.31
CA THR A 200 -21.36 13.07 -1.96
C THR A 200 -20.16 13.69 -1.28
N HIS A 201 -19.48 14.64 -1.91
CA HIS A 201 -18.48 15.42 -1.20
C HIS A 201 -18.49 16.82 -1.78
N PRO A 202 -17.84 17.78 -1.12
CA PRO A 202 -17.88 19.16 -1.61
C PRO A 202 -17.56 19.23 -3.08
N PRO A 203 -18.26 20.11 -3.83
CA PRO A 203 -19.17 21.12 -3.28
C PRO A 203 -20.60 20.68 -2.96
N LEU A 204 -20.90 19.38 -2.97
CA LEU A 204 -22.15 18.85 -2.46
C LEU A 204 -23.40 19.35 -3.20
N TYR A 205 -23.24 19.79 -4.45
CA TYR A 205 -24.36 20.27 -5.24
C TYR A 205 -25.50 19.25 -5.30
N GLU A 206 -26.73 19.75 -5.11
CA GLU A 206 -27.92 18.88 -5.17
C GLU A 206 -28.40 18.78 -6.62
N SER A 207 -27.53 18.16 -7.42
CA SER A 207 -27.68 18.12 -8.87
C SER A 207 -27.68 16.72 -9.45
N VAL A 208 -27.73 15.68 -8.63
CA VAL A 208 -27.50 14.31 -9.07
C VAL A 208 -28.80 13.51 -9.03
N THR A 209 -29.18 12.95 -10.16
CA THR A 209 -30.14 11.84 -10.18
C THR A 209 -29.34 10.55 -10.00
N TRP A 210 -29.55 9.89 -8.88
CA TRP A 210 -28.81 8.68 -8.56
C TRP A 210 -29.48 7.45 -9.15
N ILE A 211 -28.67 6.53 -9.67
CA ILE A 211 -29.08 5.23 -10.17
C ILE A 211 -28.28 4.21 -9.39
N ILE A 212 -28.90 3.55 -8.41
CA ILE A 212 -28.20 2.57 -7.57
C ILE A 212 -28.59 1.17 -8.04
N CYS A 213 -27.61 0.38 -8.49
CA CYS A 213 -27.90 -0.96 -8.96
C CYS A 213 -28.25 -1.86 -7.80
N LYS A 214 -29.22 -2.74 -8.04
CA LYS A 214 -29.64 -3.70 -7.02
C LYS A 214 -28.59 -4.79 -6.83
N GLU A 215 -27.96 -5.22 -7.92
CA GLU A 215 -26.94 -6.26 -7.91
C GLU A 215 -25.59 -5.66 -7.58
N SER A 216 -24.85 -6.31 -6.69
CA SER A 216 -23.51 -5.87 -6.36
C SER A 216 -22.49 -6.49 -7.32
N ILE A 217 -21.27 -5.95 -7.30
CA ILE A 217 -20.12 -6.56 -7.96
C ILE A 217 -19.11 -6.93 -6.87
N SER A 218 -18.18 -7.81 -7.22
N SER A 218 -18.17 -7.79 -7.24
CA SER A 218 -17.22 -8.30 -6.25
CA SER A 218 -17.21 -8.29 -6.28
C SER A 218 -15.95 -7.45 -6.25
C SER A 218 -15.94 -7.45 -6.25
N VAL A 219 -15.20 -7.58 -5.15
CA VAL A 219 -13.87 -7.00 -5.00
C VAL A 219 -13.18 -7.81 -3.91
N SER A 220 -11.89 -8.07 -4.10
CA SER A 220 -11.19 -8.86 -3.09
C SER A 220 -10.60 -7.96 -2.01
N SER A 221 -10.27 -8.58 -0.87
CA SER A 221 -9.64 -7.83 0.21
CA SER A 221 -9.62 -7.84 0.22
C SER A 221 -8.33 -7.20 -0.23
N GLU A 222 -7.59 -7.87 -1.13
CA GLU A 222 -6.31 -7.35 -1.61
C GLU A 222 -6.51 -6.24 -2.62
N GLN A 223 -7.59 -6.31 -3.40
CA GLN A 223 -7.86 -5.21 -4.32
C GLN A 223 -8.21 -3.95 -3.56
N LEU A 224 -9.02 -4.07 -2.50
CA LEU A 224 -9.29 -2.93 -1.63
C LEU A 224 -8.01 -2.39 -1.02
N ALA A 225 -7.06 -3.28 -0.68
CA ALA A 225 -5.80 -2.80 -0.12
C ALA A 225 -5.05 -1.94 -1.12
N GLN A 226 -5.19 -2.21 -2.42
CA GLN A 226 -4.52 -1.38 -3.42
C GLN A 226 -5.08 0.03 -3.42
N PHE A 227 -6.42 0.18 -3.31
CA PHE A 227 -6.99 1.52 -3.15
C PHE A 227 -6.40 2.24 -1.94
N ARG A 228 -6.35 1.55 -0.79
CA ARG A 228 -5.90 2.18 0.44
C ARG A 228 -4.40 2.44 0.45
N SER A 229 -3.65 1.87 -0.48
CA SER A 229 -2.21 2.14 -0.59
C SER A 229 -1.91 3.37 -1.45
N LEU A 230 -2.92 3.94 -2.10
CA LEU A 230 -2.74 5.26 -2.72
C LEU A 230 -2.42 6.29 -1.64
N LEU A 231 -1.60 7.28 -2.00
CA LEU A 231 -1.12 8.26 -1.04
C LEU A 231 -1.77 9.62 -1.27
N SER A 232 -2.17 10.26 -0.18
CA SER A 232 -2.82 11.58 -0.23
C SER A 232 -1.83 12.73 -0.20
N ASN A 233 -0.57 12.47 0.10
CA ASN A 233 0.47 13.47 0.17
C ASN A 233 1.09 13.66 -1.20
N VAL A 234 1.79 14.78 -1.38
CA VAL A 234 2.55 15.01 -2.60
C VAL A 234 3.88 14.28 -2.52
N GLU A 235 4.45 14.00 -3.68
CA GLU A 235 5.73 13.30 -3.75
C GLU A 235 6.79 14.00 -2.91
N GLY A 236 7.48 13.21 -2.09
CA GLY A 236 8.54 13.71 -1.24
C GLY A 236 8.13 13.93 0.21
N ASP A 237 6.84 14.11 0.48
CA ASP A 237 6.38 14.30 1.83
C ASP A 237 6.21 12.96 2.56
N ASN A 238 5.92 13.03 3.86
CA ASN A 238 5.58 11.84 4.63
C ASN A 238 4.37 11.17 3.99
N ALA A 239 4.48 9.85 3.76
CA ALA A 239 3.40 9.12 3.11
C ALA A 239 2.17 9.07 4.02
N VAL A 240 1.01 9.39 3.45
CA VAL A 240 -0.26 9.34 4.17
C VAL A 240 -1.23 8.53 3.32
N PRO A 241 -1.41 7.23 3.60
CA PRO A 241 -2.35 6.43 2.81
C PRO A 241 -3.77 7.00 2.83
N MET A 242 -4.47 6.82 1.71
CA MET A 242 -5.89 7.15 1.58
C MET A 242 -6.70 6.04 2.23
N GLN A 243 -6.91 6.14 3.54
CA GLN A 243 -7.54 5.01 4.23
C GLN A 243 -9.02 4.90 3.91
N HIS A 244 -9.70 6.02 3.67
CA HIS A 244 -11.14 5.97 3.47
C HIS A 244 -11.61 7.28 2.84
N ASN A 245 -12.78 7.21 2.19
CA ASN A 245 -13.36 8.40 1.57
C ASN A 245 -14.86 8.28 1.35
N ASN A 246 -15.56 7.59 2.24
CA ASN A 246 -17.00 7.43 2.10
C ASN A 246 -17.75 8.31 3.09
N ARG A 247 -18.75 9.04 2.59
CA ARG A 247 -19.59 9.86 3.44
C ARG A 247 -20.64 9.01 4.15
N PRO A 248 -20.96 9.32 5.41
CA PRO A 248 -22.11 8.68 6.05
C PRO A 248 -23.40 8.96 5.30
N THR A 249 -24.37 8.06 5.44
CA THR A 249 -25.67 8.26 4.84
C THR A 249 -26.39 9.43 5.51
N GLN A 250 -27.24 10.10 4.74
CA GLN A 250 -27.89 11.35 5.08
C GLN A 250 -29.41 11.21 5.12
N PRO A 251 -30.10 12.12 5.81
CA PRO A 251 -31.57 11.99 5.94
C PRO A 251 -32.29 12.13 4.61
N LEU A 252 -33.30 11.29 4.41
CA LEU A 252 -34.07 11.32 3.17
C LEU A 252 -34.91 12.59 3.06
N LYS A 253 -35.35 13.15 4.19
CA LYS A 253 -36.10 14.42 4.22
C LYS A 253 -37.30 14.39 3.27
N GLY A 254 -38.04 13.28 3.31
CA GLY A 254 -39.26 13.16 2.54
C GLY A 254 -39.09 12.68 1.11
N ARG A 255 -37.85 12.47 0.65
CA ARG A 255 -37.67 11.98 -0.71
C ARG A 255 -38.16 10.54 -0.83
N THR A 256 -38.54 10.18 -2.06
CA THR A 256 -39.00 8.85 -2.40
C THR A 256 -37.92 8.14 -3.21
N VAL A 257 -37.49 6.98 -2.75
CA VAL A 257 -36.64 6.11 -3.54
C VAL A 257 -37.54 5.23 -4.40
N ARG A 258 -37.41 5.35 -5.71
CA ARG A 258 -38.19 4.54 -6.65
C ARG A 258 -37.40 3.32 -7.08
N ALA A 259 -38.13 2.22 -7.33
CA ALA A 259 -37.53 0.99 -7.78
C ALA A 259 -37.98 0.65 -9.19
N SER A 260 -37.04 0.19 -10.02
CA SER A 260 -37.34 -0.24 -11.37
C SER A 260 -37.85 -1.68 -11.44
N PHE A 261 -37.92 -2.35 -10.30
CA PHE A 261 -38.16 -3.79 -10.25
C PHE A 261 -39.10 -4.12 -9.10
N ASP B 5 3.02 -15.57 17.02
CA ASP B 5 3.36 -15.70 18.44
C ASP B 5 4.38 -14.62 18.85
N TRP B 6 5.05 -14.05 17.87
CA TRP B 6 5.84 -12.86 18.09
C TRP B 6 5.61 -11.90 16.93
N GLY B 7 5.76 -10.63 17.20
CA GLY B 7 5.58 -9.62 16.17
C GLY B 7 6.22 -8.33 16.61
N TYR B 8 5.67 -7.22 16.13
CA TYR B 8 6.16 -5.89 16.47
C TYR B 8 5.08 -5.01 17.09
N ASP B 9 3.91 -5.57 17.40
CA ASP B 9 2.84 -4.82 18.04
C ASP B 9 3.09 -4.70 19.54
N ASP B 10 2.17 -4.03 20.23
CA ASP B 10 2.33 -3.87 21.67
C ASP B 10 2.14 -5.19 22.41
N LYS B 11 1.33 -6.10 21.87
CA LYS B 11 1.03 -7.35 22.56
C LYS B 11 2.16 -8.37 22.41
N ASN B 12 2.80 -8.42 21.24
CA ASN B 12 3.77 -9.48 20.95
C ASN B 12 5.11 -8.93 20.47
N GLY B 13 5.42 -7.67 20.78
CA GLY B 13 6.57 -7.00 20.22
C GLY B 13 7.83 -7.12 21.03
N PRO B 14 8.85 -6.36 20.63
CA PRO B 14 10.20 -6.51 21.22
C PRO B 14 10.24 -6.49 22.74
N GLU B 15 9.42 -5.66 23.39
CA GLU B 15 9.46 -5.63 24.84
C GLU B 15 8.89 -6.89 25.48
N GLN B 16 8.12 -7.69 24.72
CA GLN B 16 7.56 -8.93 25.24
C GLN B 16 8.31 -10.18 24.79
N TRP B 17 9.30 -10.04 23.90
CA TRP B 17 9.93 -11.21 23.30
C TRP B 17 10.60 -12.11 24.35
N SER B 18 11.10 -11.55 25.45
CA SER B 18 11.83 -12.36 26.42
C SER B 18 10.97 -13.45 27.05
N LYS B 19 9.64 -13.30 27.01
CA LYS B 19 8.78 -14.32 27.61
C LYS B 19 8.91 -15.64 26.89
N LEU B 20 8.86 -15.62 25.55
CA LEU B 20 9.03 -16.83 24.75
C LEU B 20 10.49 -17.08 24.36
N TYR B 21 11.31 -16.03 24.32
CA TYR B 21 12.71 -16.12 23.91
C TYR B 21 13.55 -15.43 24.97
N PRO B 22 13.92 -16.14 26.04
CA PRO B 22 14.67 -15.50 27.14
C PRO B 22 16.01 -14.93 26.72
N ILE B 23 16.61 -15.40 25.64
CA ILE B 23 17.85 -14.84 25.15
C ILE B 23 17.71 -13.37 24.73
N ALA B 24 16.47 -12.86 24.62
CA ALA B 24 16.26 -11.45 24.30
C ALA B 24 16.92 -10.51 25.28
N ASN B 25 17.16 -10.96 26.51
CA ASN B 25 17.87 -10.20 27.53
C ASN B 25 19.33 -10.62 27.65
N GLY B 26 19.87 -11.27 26.62
CA GLY B 26 21.23 -11.78 26.67
C GLY B 26 22.26 -10.67 26.61
N ASN B 27 23.51 -11.11 26.51
CA ASN B 27 24.65 -10.20 26.55
C ASN B 27 25.20 -9.86 25.18
N ASN B 28 24.64 -10.42 24.11
CA ASN B 28 25.14 -10.20 22.76
C ASN B 28 23.98 -9.91 21.82
N GLN B 29 23.07 -9.06 22.26
CA GLN B 29 21.86 -8.80 21.51
C GLN B 29 22.06 -7.65 20.53
N SER B 30 21.34 -7.72 19.41
CA SER B 30 21.39 -6.71 18.35
C SER B 30 19.98 -6.19 18.08
N PRO B 31 19.86 -4.97 17.52
CA PRO B 31 20.92 -4.06 17.12
C PRO B 31 21.48 -3.28 18.30
N VAL B 32 22.46 -2.44 18.03
CA VAL B 32 23.08 -1.60 19.04
C VAL B 32 23.27 -0.21 18.45
N ASP B 33 23.44 0.76 19.33
CA ASP B 33 23.90 2.08 18.91
C ASP B 33 25.41 2.04 18.78
N ILE B 34 25.91 2.60 17.70
CA ILE B 34 27.36 2.71 17.50
C ILE B 34 27.76 4.12 17.92
N LYS B 35 28.43 4.22 19.07
CA LYS B 35 28.99 5.49 19.54
C LYS B 35 30.38 5.64 18.95
N THR B 36 30.52 6.56 17.98
CA THR B 36 31.76 6.61 17.22
C THR B 36 32.96 7.00 18.07
N SER B 37 32.73 7.80 19.12
CA SER B 37 33.83 8.15 20.02
C SER B 37 34.35 6.97 20.83
N GLU B 38 33.57 5.90 20.94
CA GLU B 38 33.98 4.72 21.70
C GLU B 38 34.40 3.56 20.80
N THR B 39 34.42 3.74 19.49
CA THR B 39 34.86 2.66 18.62
C THR B 39 36.38 2.58 18.65
N LYS B 40 36.89 1.39 18.37
CA LYS B 40 38.31 1.09 18.46
C LYS B 40 38.80 0.63 17.10
N HIS B 41 39.84 1.27 16.59
CA HIS B 41 40.40 0.82 15.32
C HIS B 41 41.27 -0.41 15.54
N ASP B 42 40.98 -1.45 14.76
CA ASP B 42 41.64 -2.74 14.84
C ASP B 42 42.42 -2.95 13.53
N THR B 43 43.75 -2.97 13.63
CA THR B 43 44.55 -3.13 12.43
C THR B 43 44.43 -4.51 11.79
N SER B 44 43.89 -5.50 12.50
CA SER B 44 43.75 -6.83 11.92
C SER B 44 42.51 -6.95 11.04
N LEU B 45 41.72 -5.90 10.91
CA LEU B 45 40.50 -5.94 10.10
C LEU B 45 40.85 -5.67 8.64
N LYS B 46 40.74 -6.71 7.82
CA LYS B 46 40.94 -6.60 6.39
C LYS B 46 39.74 -5.94 5.72
N PRO B 47 39.88 -5.46 4.50
CA PRO B 47 38.70 -5.00 3.77
C PRO B 47 37.75 -6.16 3.56
N ILE B 48 36.46 -5.86 3.51
CA ILE B 48 35.53 -6.92 3.16
C ILE B 48 35.47 -7.02 1.64
N SER B 49 35.27 -8.24 1.15
CA SER B 49 35.10 -8.49 -0.27
C SER B 49 33.84 -9.32 -0.44
N VAL B 50 32.96 -8.85 -1.31
CA VAL B 50 31.77 -9.60 -1.67
C VAL B 50 31.84 -9.89 -3.15
N SER B 51 31.60 -11.13 -3.51
CA SER B 51 31.44 -11.53 -4.90
CA SER B 51 31.45 -11.54 -4.90
C SER B 51 30.27 -12.49 -4.96
N TYR B 52 29.15 -11.99 -5.45
CA TYR B 52 27.90 -12.72 -5.51
C TYR B 52 27.63 -13.12 -6.95
N ASN B 53 27.42 -14.41 -7.17
CA ASN B 53 26.98 -14.90 -8.46
C ASN B 53 25.50 -14.62 -8.61
N PRO B 54 25.08 -13.80 -9.58
CA PRO B 54 23.67 -13.43 -9.68
C PRO B 54 22.75 -14.60 -9.99
N ALA B 55 23.30 -15.74 -10.41
CA ALA B 55 22.49 -16.93 -10.66
C ALA B 55 22.12 -17.67 -9.40
N THR B 56 22.64 -17.27 -8.24
CA THR B 56 22.22 -17.88 -6.99
C THR B 56 20.92 -17.32 -6.46
N ALA B 57 20.42 -16.22 -7.02
CA ALA B 57 19.15 -15.67 -6.60
C ALA B 57 18.04 -16.69 -6.89
N LYS B 58 17.11 -16.82 -5.96
CA LYS B 58 16.15 -17.92 -6.04
C LYS B 58 14.68 -17.50 -5.90
N GLU B 59 14.31 -16.90 -4.77
CA GLU B 59 12.90 -16.73 -4.45
C GLU B 59 12.70 -15.55 -3.51
N ILE B 60 11.61 -14.81 -3.71
CA ILE B 60 11.17 -13.75 -2.82
C ILE B 60 9.92 -14.24 -2.09
N ILE B 61 9.83 -13.97 -0.79
CA ILE B 61 8.76 -14.53 0.03
C ILE B 61 8.28 -13.53 1.07
N ASN B 62 6.95 -13.46 1.25
CA ASN B 62 6.34 -12.66 2.32
C ASN B 62 6.29 -13.51 3.59
N VAL B 63 7.00 -13.08 4.63
CA VAL B 63 7.07 -13.85 5.88
C VAL B 63 6.21 -13.23 6.98
N GLY B 64 5.23 -12.40 6.62
CA GLY B 64 4.28 -11.87 7.58
C GLY B 64 4.74 -10.57 8.21
N HIS B 65 5.90 -10.57 8.86
CA HIS B 65 6.45 -9.37 9.46
C HIS B 65 7.41 -8.63 8.53
N SER B 66 7.77 -9.23 7.40
CA SER B 66 8.78 -8.68 6.50
C SER B 66 8.68 -9.48 5.20
N PHE B 67 9.61 -9.25 4.29
CA PHE B 67 9.79 -10.12 3.15
C PHE B 67 11.27 -10.42 3.01
N HIS B 68 11.58 -11.57 2.43
CA HIS B 68 12.95 -12.04 2.28
C HIS B 68 13.22 -12.37 0.82
N VAL B 69 14.43 -12.10 0.37
CA VAL B 69 14.92 -12.59 -0.91
C VAL B 69 15.95 -13.65 -0.61
N ASN B 70 15.65 -14.89 -0.97
CA ASN B 70 16.48 -16.04 -0.63
C ASN B 70 17.33 -16.47 -1.83
N PHE B 71 18.49 -17.02 -1.50
CA PHE B 71 19.48 -17.44 -2.49
C PHE B 71 19.78 -18.92 -2.38
N GLU B 72 20.10 -19.54 -3.50
CA GLU B 72 20.63 -20.90 -3.50
C GLU B 72 21.93 -20.94 -2.71
N ASP B 73 22.01 -21.81 -1.71
CA ASP B 73 23.19 -21.84 -0.84
C ASP B 73 23.77 -23.24 -0.73
N ASN B 74 23.66 -24.04 -1.78
CA ASN B 74 24.25 -25.37 -1.77
C ASN B 74 25.76 -25.35 -1.98
N ASP B 75 26.31 -24.27 -2.52
CA ASP B 75 27.75 -24.20 -2.76
C ASP B 75 28.24 -22.77 -2.51
N ASN B 76 29.56 -22.58 -2.62
CA ASN B 76 30.21 -21.31 -2.35
C ASN B 76 30.27 -20.39 -3.56
N ARG B 77 29.27 -20.38 -4.43
CA ARG B 77 29.32 -19.46 -5.58
C ARG B 77 29.25 -18.00 -5.15
N SER B 78 28.50 -17.70 -4.09
CA SER B 78 28.30 -16.35 -3.59
C SER B 78 28.83 -16.26 -2.17
N VAL B 79 29.91 -15.50 -1.95
CA VAL B 79 30.60 -15.53 -0.67
C VAL B 79 30.97 -14.13 -0.20
N LEU B 80 31.01 -13.98 1.12
CA LEU B 80 31.61 -12.84 1.79
C LEU B 80 32.91 -13.28 2.42
N LYS B 81 33.97 -12.50 2.21
CA LYS B 81 35.29 -12.77 2.77
C LYS B 81 35.88 -11.50 3.33
N GLY B 82 36.93 -11.67 4.13
CA GLY B 82 37.68 -10.51 4.59
C GLY B 82 37.16 -9.97 5.91
N GLY B 83 37.38 -8.68 6.16
CA GLY B 83 36.98 -8.10 7.42
C GLY B 83 37.54 -8.84 8.61
N PRO B 84 36.68 -9.18 9.56
CA PRO B 84 37.11 -9.93 10.75
C PRO B 84 37.23 -11.43 10.53
N PHE B 85 36.98 -11.92 9.32
CA PHE B 85 36.82 -13.35 9.08
C PHE B 85 38.09 -13.97 8.49
N SER B 86 38.40 -15.19 8.90
CA SER B 86 39.33 -16.01 8.16
C SER B 86 38.63 -16.99 7.23
N ASP B 87 37.34 -17.24 7.44
CA ASP B 87 36.53 -18.13 6.61
C ASP B 87 35.75 -17.33 5.58
N SER B 88 35.33 -18.02 4.53
CA SER B 88 34.32 -17.50 3.62
C SER B 88 32.94 -17.77 4.20
N TYR B 89 32.03 -16.82 4.03
CA TYR B 89 30.64 -16.98 4.44
C TYR B 89 29.76 -16.96 3.20
N ARG B 90 28.80 -17.87 3.16
CA ARG B 90 27.96 -18.08 1.98
C ARG B 90 26.69 -17.25 2.08
N LEU B 91 26.39 -16.49 1.03
CA LEU B 91 25.18 -15.67 0.98
C LEU B 91 23.94 -16.57 1.02
N PHE B 92 22.94 -16.19 1.82
CA PHE B 92 21.69 -16.95 1.75
C PHE B 92 20.43 -16.09 1.69
N GLN B 93 20.47 -14.82 2.10
CA GLN B 93 19.26 -13.99 2.05
C GLN B 93 19.63 -12.52 2.19
N PHE B 94 18.81 -11.63 1.64
CA PHE B 94 18.78 -10.25 2.10
C PHE B 94 17.34 -9.81 2.33
N HIS B 95 17.19 -8.77 3.14
CA HIS B 95 15.89 -8.24 3.54
C HIS B 95 16.10 -6.84 4.11
N PHE B 96 15.00 -6.19 4.47
CA PHE B 96 15.04 -4.83 4.97
C PHE B 96 14.28 -4.73 6.28
N HIS B 97 14.57 -3.66 7.02
CA HIS B 97 13.71 -3.20 8.09
C HIS B 97 13.32 -1.75 7.86
N TRP B 98 12.12 -1.40 8.28
CA TRP B 98 11.64 -0.02 8.16
C TRP B 98 10.77 0.32 9.36
N GLY B 99 10.37 1.59 9.45
CA GLY B 99 9.61 2.09 10.57
C GLY B 99 8.30 2.70 10.13
N SER B 100 7.49 3.09 11.11
CA SER B 100 6.15 3.59 10.80
C SER B 100 6.20 4.97 10.15
N THR B 101 7.28 5.72 10.37
CA THR B 101 7.52 6.97 9.67
C THR B 101 8.91 6.93 9.04
N ASN B 102 9.20 7.94 8.21
CA ASN B 102 10.53 8.07 7.63
C ASN B 102 11.59 8.42 8.66
N GLU B 103 11.21 8.96 9.81
CA GLU B 103 12.20 9.48 10.76
C GLU B 103 12.78 8.41 11.67
N HIS B 104 12.33 7.17 11.56
CA HIS B 104 12.80 6.16 12.49
C HIS B 104 12.48 4.77 11.98
N GLY B 105 13.39 4.18 11.21
CA GLY B 105 13.12 2.84 10.71
C GLY B 105 14.30 1.90 10.68
N SER B 106 15.51 2.41 10.87
CA SER B 106 16.64 1.50 10.90
C SER B 106 16.68 0.75 12.23
N GLU B 107 17.57 -0.24 12.30
CA GLU B 107 17.76 -0.99 13.54
C GLU B 107 18.97 -0.50 14.28
N HIS B 108 20.14 -0.57 13.64
CA HIS B 108 21.31 0.08 14.20
C HIS B 108 21.14 1.59 14.14
N THR B 109 21.78 2.27 15.08
CA THR B 109 21.86 3.72 15.10
C THR B 109 23.32 4.10 15.23
N VAL B 110 23.65 5.34 14.86
CA VAL B 110 25.01 5.84 14.94
C VAL B 110 24.98 7.13 15.73
N ASP B 111 25.60 7.12 16.91
CA ASP B 111 25.60 8.29 17.80
C ASP B 111 24.16 8.71 18.10
N GLY B 112 23.29 7.71 18.28
CA GLY B 112 21.90 7.96 18.60
C GLY B 112 21.01 8.35 17.44
N VAL B 113 21.58 8.56 16.25
CA VAL B 113 20.80 8.98 15.08
C VAL B 113 20.19 7.76 14.42
N LYS B 114 18.88 7.78 14.26
CA LYS B 114 18.16 6.68 13.62
C LYS B 114 17.88 7.04 12.17
N TYR B 115 18.06 6.07 11.29
CA TYR B 115 17.88 6.26 9.86
C TYR B 115 16.50 5.75 9.47
N SER B 116 16.15 5.90 8.18
CA SER B 116 14.80 5.59 7.73
C SER B 116 14.57 4.10 7.54
N ALA B 117 15.61 3.34 7.21
CA ALA B 117 15.45 1.92 6.95
C ALA B 117 16.84 1.29 7.06
N GLU B 118 16.90 -0.03 6.87
CA GLU B 118 18.17 -0.74 6.96
C GLU B 118 18.09 -1.98 6.08
N LEU B 119 19.16 -2.21 5.32
CA LEU B 119 19.33 -3.41 4.50
C LEU B 119 20.18 -4.41 5.26
N HIS B 120 19.77 -5.67 5.26
CA HIS B 120 20.55 -6.75 5.86
C HIS B 120 20.85 -7.81 4.81
N VAL B 121 22.13 -8.14 4.65
CA VAL B 121 22.58 -9.17 3.73
C VAL B 121 23.23 -10.27 4.57
N ALA B 122 22.61 -11.46 4.59
CA ALA B 122 22.93 -12.48 5.57
C ALA B 122 23.70 -13.63 4.92
N HIS B 123 24.69 -14.15 5.65
CA HIS B 123 25.58 -15.21 5.19
C HIS B 123 25.80 -16.21 6.33
N TRP B 124 26.19 -17.45 5.98
CA TRP B 124 26.53 -18.44 6.99
C TRP B 124 27.88 -19.09 6.70
N ASN B 125 28.50 -19.60 7.78
CA ASN B 125 29.88 -20.07 7.75
C ASN B 125 29.95 -21.46 7.12
N SER B 126 30.23 -21.52 5.81
CA SER B 126 30.32 -22.80 5.11
C SER B 126 31.70 -23.44 5.19
N ALA B 127 32.71 -22.71 5.67
CA ALA B 127 34.00 -23.33 5.91
C ALA B 127 33.94 -24.28 7.11
N LYS B 128 33.17 -23.89 8.14
CA LYS B 128 33.09 -24.64 9.38
C LYS B 128 31.88 -25.55 9.48
N TYR B 129 30.75 -25.18 8.88
CA TYR B 129 29.52 -25.93 9.03
C TYR B 129 29.00 -26.32 7.66
N SER B 130 28.11 -27.31 7.64
CA SER B 130 27.58 -27.88 6.40
C SER B 130 26.22 -27.33 6.01
N SER B 131 25.52 -26.61 6.89
CA SER B 131 24.24 -26.05 6.49
C SER B 131 23.94 -24.78 7.29
N LEU B 132 23.02 -23.99 6.76
CA LEU B 132 22.45 -22.89 7.53
C LEU B 132 21.81 -23.40 8.82
N ALA B 133 21.11 -24.54 8.74
CA ALA B 133 20.45 -25.06 9.93
C ALA B 133 21.46 -25.37 11.03
N GLU B 134 22.65 -25.88 10.66
CA GLU B 134 23.69 -26.14 11.63
C GLU B 134 24.35 -24.84 12.10
N ALA B 135 24.61 -23.90 11.17
CA ALA B 135 25.39 -22.71 11.47
C ALA B 135 24.60 -21.69 12.28
N ALA B 136 23.27 -21.67 12.14
CA ALA B 136 22.48 -20.55 12.63
C ALA B 136 22.56 -20.34 14.14
N SER B 137 22.92 -21.37 14.90
CA SER B 137 22.95 -21.25 16.35
C SER B 137 24.38 -21.23 16.92
N LYS B 138 25.39 -21.24 16.06
CA LYS B 138 26.78 -21.20 16.50
C LYS B 138 27.27 -19.77 16.59
N ALA B 139 28.13 -19.48 17.58
CA ALA B 139 28.56 -18.11 17.81
C ALA B 139 29.23 -17.48 16.59
N ASP B 140 29.96 -18.29 15.82
CA ASP B 140 30.60 -17.86 14.59
C ASP B 140 29.86 -18.34 13.35
N GLY B 141 28.55 -18.63 13.48
CA GLY B 141 27.83 -19.22 12.37
C GLY B 141 27.36 -18.26 11.29
N LEU B 142 27.02 -17.02 11.66
CA LEU B 142 26.38 -16.11 10.73
C LEU B 142 27.15 -14.79 10.61
N ALA B 143 27.03 -14.17 9.45
CA ALA B 143 27.62 -12.86 9.18
C ALA B 143 26.60 -12.03 8.43
N VAL B 144 26.25 -10.86 8.96
CA VAL B 144 25.25 -10.02 8.31
C VAL B 144 25.85 -8.64 8.10
N ILE B 145 25.77 -8.15 6.85
CA ILE B 145 26.11 -6.78 6.50
C ILE B 145 24.87 -5.91 6.69
N GLY B 146 25.01 -4.83 7.44
CA GLY B 146 23.94 -3.84 7.59
C GLY B 146 24.31 -2.56 6.86
N VAL B 147 23.37 -2.04 6.08
CA VAL B 147 23.51 -0.77 5.40
C VAL B 147 22.37 0.14 5.84
N LEU B 148 22.70 1.28 6.42
CA LEU B 148 21.71 2.26 6.81
C LEU B 148 21.16 2.97 5.56
N MET B 149 19.85 3.19 5.55
CA MET B 149 19.19 3.81 4.40
C MET B 149 18.61 5.15 4.84
N LYS B 150 19.00 6.20 4.14
CA LYS B 150 18.62 7.56 4.47
C LYS B 150 17.59 8.08 3.45
N VAL B 151 16.46 8.57 3.95
CA VAL B 151 15.40 9.01 3.04
C VAL B 151 15.90 10.22 2.25
N GLY B 152 15.59 10.21 0.96
CA GLY B 152 16.01 11.24 0.03
C GLY B 152 15.63 10.83 -1.37
N GLU B 153 16.59 10.88 -2.29
CA GLU B 153 16.34 10.52 -3.68
C GLU B 153 15.98 9.05 -3.81
N ALA B 154 15.10 8.76 -4.77
CA ALA B 154 14.78 7.37 -5.07
C ALA B 154 16.03 6.60 -5.46
N ASN B 155 16.13 5.38 -4.95
CA ASN B 155 17.25 4.52 -5.22
C ASN B 155 16.90 3.57 -6.35
N PRO B 156 17.44 3.74 -7.56
CA PRO B 156 17.04 2.86 -8.66
C PRO B 156 17.53 1.43 -8.51
N LYS B 157 18.53 1.16 -7.66
CA LYS B 157 18.99 -0.21 -7.49
C LYS B 157 17.97 -1.08 -6.79
N LEU B 158 16.99 -0.47 -6.12
CA LEU B 158 15.92 -1.17 -5.45
C LEU B 158 14.81 -1.63 -6.39
N GLN B 159 14.92 -1.31 -7.67
CA GLN B 159 13.79 -1.43 -8.60
C GLN B 159 13.27 -2.86 -8.71
N LYS B 160 14.15 -3.82 -8.99
CA LYS B 160 13.67 -5.18 -9.20
C LYS B 160 12.99 -5.72 -7.96
N VAL B 161 13.51 -5.36 -6.78
CA VAL B 161 12.91 -5.81 -5.52
C VAL B 161 11.52 -5.20 -5.34
N LEU B 162 11.41 -3.88 -5.49
CA LEU B 162 10.13 -3.22 -5.31
C LEU B 162 9.10 -3.70 -6.32
N ASP B 163 9.54 -3.95 -7.57
CA ASP B 163 8.61 -4.43 -8.60
C ASP B 163 8.09 -5.83 -8.30
N ALA B 164 8.87 -6.63 -7.57
CA ALA B 164 8.48 -7.99 -7.27
C ALA B 164 7.40 -8.08 -6.19
N LEU B 165 7.19 -7.01 -5.44
CA LEU B 165 6.38 -7.10 -4.23
C LEU B 165 4.91 -7.33 -4.55
N GLN B 166 4.45 -6.87 -5.72
CA GLN B 166 3.04 -7.05 -6.06
C GLN B 166 2.64 -8.51 -6.17
N ALA B 167 3.61 -9.42 -6.35
CA ALA B 167 3.33 -10.84 -6.46
C ALA B 167 3.38 -11.56 -5.13
N ILE B 168 3.81 -10.90 -4.06
CA ILE B 168 3.87 -11.54 -2.74
C ILE B 168 3.19 -10.65 -1.70
N LYS B 169 1.99 -10.16 -2.02
CA LYS B 169 1.40 -9.11 -1.19
C LYS B 169 1.02 -9.60 0.20
N THR B 170 0.61 -10.87 0.33
CA THR B 170 0.12 -11.38 1.61
C THR B 170 1.01 -12.50 2.16
N LYS B 171 0.87 -12.72 3.46
CA LYS B 171 1.75 -13.65 4.18
C LYS B 171 1.74 -15.03 3.55
N GLY B 172 2.94 -15.56 3.31
CA GLY B 172 3.10 -16.89 2.77
C GLY B 172 3.26 -16.94 1.26
N LYS B 173 2.86 -15.90 0.54
CA LYS B 173 3.08 -15.87 -0.90
C LYS B 173 4.57 -15.82 -1.22
N ARG B 174 4.94 -16.45 -2.33
CA ARG B 174 6.32 -16.52 -2.76
C ARG B 174 6.36 -16.52 -4.28
N ALA B 175 7.50 -16.11 -4.83
CA ALA B 175 7.65 -16.01 -6.27
C ALA B 175 9.11 -16.19 -6.64
N PRO B 176 9.40 -16.73 -7.81
CA PRO B 176 10.79 -16.81 -8.26
C PRO B 176 11.41 -15.42 -8.35
N PHE B 177 12.69 -15.32 -7.98
CA PHE B 177 13.43 -14.05 -8.02
C PHE B 177 14.85 -14.41 -8.44
N THR B 178 15.21 -14.13 -9.70
CA THR B 178 16.37 -14.73 -10.34
C THR B 178 17.27 -13.63 -10.89
N ASN B 179 18.53 -14.02 -11.13
CA ASN B 179 19.49 -13.16 -11.83
C ASN B 179 19.61 -11.81 -11.14
N PHE B 180 20.06 -11.84 -9.89
CA PHE B 180 20.24 -10.61 -9.13
C PHE B 180 21.45 -10.73 -8.22
N ASP B 181 22.32 -9.72 -8.30
CA ASP B 181 23.50 -9.60 -7.46
C ASP B 181 23.24 -8.52 -6.41
N PRO B 182 23.06 -8.87 -5.13
CA PRO B 182 22.69 -7.85 -4.15
C PRO B 182 23.85 -6.96 -3.71
N SER B 183 25.08 -7.27 -4.11
CA SER B 183 26.17 -6.33 -3.85
C SER B 183 25.95 -5.01 -4.59
N THR B 184 25.07 -4.99 -5.59
CA THR B 184 24.69 -3.75 -6.25
C THR B 184 23.98 -2.79 -5.30
N LEU B 185 23.48 -3.28 -4.16
CA LEU B 185 22.80 -2.43 -3.20
C LEU B 185 23.74 -1.80 -2.19
N LEU B 186 24.98 -2.24 -2.14
CA LEU B 186 25.94 -1.74 -1.15
C LEU B 186 26.43 -0.35 -1.54
N PRO B 187 26.88 0.43 -0.56
CA PRO B 187 27.52 1.71 -0.88
C PRO B 187 28.87 1.50 -1.55
N SER B 188 29.37 2.57 -2.15
CA SER B 188 30.60 2.49 -2.93
C SER B 188 31.79 2.12 -2.04
N SER B 189 31.91 2.78 -0.89
CA SER B 189 32.92 2.40 0.09
C SER B 189 32.36 1.35 1.04
N LEU B 190 33.19 0.35 1.35
CA LEU B 190 32.82 -0.70 2.30
C LEU B 190 33.57 -0.59 3.61
N ASP B 191 34.01 0.62 3.99
CA ASP B 191 34.44 0.87 5.36
C ASP B 191 33.33 0.43 6.31
N PHE B 192 33.71 -0.16 7.45
CA PHE B 192 32.70 -0.76 8.29
C PHE B 192 33.09 -0.74 9.76
N TRP B 193 32.07 -0.92 10.59
CA TRP B 193 32.18 -1.29 12.00
C TRP B 193 31.78 -2.75 12.16
N THR B 194 32.34 -3.41 13.18
CA THR B 194 31.96 -4.79 13.44
C THR B 194 31.86 -5.02 14.94
N TYR B 195 30.92 -5.87 15.33
CA TYR B 195 30.74 -6.26 16.72
C TYR B 195 30.04 -7.60 16.76
N PRO B 196 30.20 -8.36 17.85
CA PRO B 196 29.50 -9.65 17.96
C PRO B 196 28.08 -9.44 18.50
N GLY B 197 27.09 -10.02 17.82
CA GLY B 197 25.70 -9.77 18.16
C GLY B 197 24.79 -10.94 17.84
N SER B 198 23.53 -10.63 17.55
CA SER B 198 22.50 -11.64 17.42
C SER B 198 21.62 -11.36 16.21
N LEU B 199 20.77 -12.34 15.88
CA LEU B 199 19.60 -12.04 15.07
C LEU B 199 18.77 -10.97 15.76
N THR B 200 18.20 -10.05 14.99
CA THR B 200 17.45 -8.95 15.60
C THR B 200 15.97 -9.26 15.81
N HIS B 201 15.53 -10.47 15.50
CA HIS B 201 14.20 -10.89 15.92
C HIS B 201 14.26 -12.38 16.20
N PRO B 202 13.22 -12.94 16.82
CA PRO B 202 13.25 -14.36 17.18
C PRO B 202 13.65 -15.22 15.99
N PRO B 203 14.45 -16.28 16.22
CA PRO B 203 14.81 -16.76 17.56
C PRO B 203 15.95 -16.05 18.30
N LEU B 204 16.47 -14.93 17.77
CA LEU B 204 17.39 -14.05 18.51
C LEU B 204 18.74 -14.71 18.84
N TYR B 205 19.10 -15.75 18.10
CA TYR B 205 20.37 -16.45 18.34
C TYR B 205 21.55 -15.47 18.37
N GLU B 206 22.42 -15.62 19.36
CA GLU B 206 23.61 -14.78 19.45
C GLU B 206 24.73 -15.40 18.60
N SER B 207 24.49 -15.38 17.29
CA SER B 207 25.27 -16.10 16.30
C SER B 207 25.81 -15.21 15.19
N VAL B 208 25.65 -13.89 15.29
CA VAL B 208 25.89 -13.02 14.15
C VAL B 208 27.12 -12.14 14.41
N THR B 209 28.07 -12.19 13.50
CA THR B 209 29.10 -11.15 13.40
C THR B 209 28.55 -10.07 12.50
N TRP B 210 28.31 -8.88 13.06
CA TRP B 210 27.73 -7.79 12.32
C TRP B 210 28.80 -6.97 11.61
N ILE B 211 28.52 -6.61 10.36
CA ILE B 211 29.35 -5.73 9.55
C ILE B 211 28.45 -4.55 9.20
N ILE B 212 28.63 -3.41 9.86
CA ILE B 212 27.78 -2.23 9.63
C ILE B 212 28.57 -1.26 8.75
N CYS B 213 28.03 -0.94 7.58
CA CYS B 213 28.73 -0.07 6.65
C CYS B 213 28.73 1.36 7.20
N LYS B 214 29.88 2.04 7.08
CA LYS B 214 29.96 3.44 7.50
C LYS B 214 29.13 4.33 6.58
N GLU B 215 29.07 4.02 5.30
CA GLU B 215 28.34 4.82 4.32
C GLU B 215 26.90 4.34 4.20
N SER B 216 25.97 5.28 4.04
CA SER B 216 24.58 4.93 3.86
C SER B 216 24.24 4.89 2.37
N ILE B 217 23.03 4.37 2.07
CA ILE B 217 22.44 4.45 0.73
C ILE B 217 21.11 5.18 0.84
N SER B 218 20.60 5.62 -0.30
CA SER B 218 19.36 6.39 -0.33
CA SER B 218 19.37 6.40 -0.35
C SER B 218 18.14 5.49 -0.52
N VAL B 219 16.99 6.06 -0.20
CA VAL B 219 15.68 5.47 -0.47
C VAL B 219 14.69 6.62 -0.46
N SER B 220 13.67 6.55 -1.32
CA SER B 220 12.71 7.65 -1.34
C SER B 220 11.54 7.35 -0.42
N SER B 221 10.80 8.42 -0.09
CA SER B 221 9.60 8.28 0.74
C SER B 221 8.59 7.33 0.11
N GLU B 222 8.44 7.39 -1.22
CA GLU B 222 7.49 6.50 -1.88
C GLU B 222 8.00 5.07 -1.92
N GLN B 223 9.32 4.88 -2.01
CA GLN B 223 9.84 3.53 -1.95
C GLN B 223 9.59 2.90 -0.60
N LEU B 224 9.73 3.68 0.49
CA LEU B 224 9.41 3.16 1.81
C LEU B 224 7.93 2.84 1.94
N ALA B 225 7.09 3.66 1.32
CA ALA B 225 5.65 3.37 1.34
C ALA B 225 5.34 2.04 0.67
N GLN B 226 6.12 1.65 -0.34
CA GLN B 226 5.93 0.34 -0.96
C GLN B 226 6.22 -0.78 0.02
N PHE B 227 7.28 -0.65 0.83
CA PHE B 227 7.51 -1.63 1.89
C PHE B 227 6.30 -1.73 2.81
N ARG B 228 5.77 -0.58 3.24
CA ARG B 228 4.66 -0.58 4.18
C ARG B 228 3.35 -0.99 3.54
N SER B 229 3.28 -1.07 2.21
CA SER B 229 2.07 -1.58 1.56
C SER B 229 2.01 -3.09 1.53
N LEU B 230 3.08 -3.78 1.92
CA LEU B 230 3.02 -5.23 2.07
C LEU B 230 2.08 -5.57 3.21
N LEU B 231 1.38 -6.70 3.07
CA LEU B 231 0.36 -7.09 4.04
C LEU B 231 0.85 -8.25 4.91
N SER B 232 0.58 -8.15 6.21
CA SER B 232 0.98 -9.17 7.18
C SER B 232 -0.04 -10.28 7.32
N ASN B 233 -1.24 -10.10 6.78
CA ASN B 233 -2.30 -11.08 6.87
C ASN B 233 -2.22 -12.07 5.72
N VAL B 234 -2.90 -13.21 5.88
CA VAL B 234 -3.02 -14.16 4.79
C VAL B 234 -4.12 -13.70 3.84
N GLU B 235 -4.02 -14.14 2.59
CA GLU B 235 -4.97 -13.76 1.55
C GLU B 235 -6.40 -14.07 1.96
N GLY B 236 -7.29 -13.10 1.74
CA GLY B 236 -8.69 -13.22 2.05
C GLY B 236 -9.08 -12.55 3.36
N ASP B 237 -8.17 -12.53 4.33
CA ASP B 237 -8.41 -11.78 5.55
C ASP B 237 -8.35 -10.28 5.26
N ASN B 238 -8.85 -9.49 6.19
CA ASN B 238 -8.77 -8.04 6.01
C ASN B 238 -7.30 -7.62 6.00
N ALA B 239 -6.99 -6.69 5.11
CA ALA B 239 -5.61 -6.30 4.86
C ALA B 239 -5.02 -5.58 6.08
N VAL B 240 -3.81 -5.96 6.46
CA VAL B 240 -3.11 -5.31 7.57
C VAL B 240 -1.71 -4.93 7.10
N PRO B 241 -1.46 -3.66 6.80
CA PRO B 241 -0.16 -3.27 6.26
C PRO B 241 0.97 -3.52 7.26
N MET B 242 2.14 -3.85 6.70
CA MET B 242 3.39 -4.02 7.46
C MET B 242 4.00 -2.67 7.79
N GLN B 243 3.57 -2.06 8.89
CA GLN B 243 3.95 -0.67 9.12
C GLN B 243 5.37 -0.51 9.64
N HIS B 244 5.90 -1.50 10.36
CA HIS B 244 7.24 -1.36 10.94
C HIS B 244 7.74 -2.72 11.41
N ASN B 245 9.05 -2.86 11.44
CA ASN B 245 9.62 -4.13 11.90
C ASN B 245 11.05 -3.96 12.40
N ASN B 246 11.33 -2.85 13.06
CA ASN B 246 12.66 -2.57 13.57
C ASN B 246 12.69 -2.70 15.09
N ARG B 247 13.64 -3.50 15.60
CA ARG B 247 13.84 -3.66 17.04
C ARG B 247 14.62 -2.46 17.60
N PRO B 248 14.26 -2.00 18.80
CA PRO B 248 15.07 -0.99 19.48
C PRO B 248 16.50 -1.47 19.71
N THR B 249 17.42 -0.52 19.85
CA THR B 249 18.79 -0.87 20.17
C THR B 249 18.86 -1.45 21.59
N GLN B 250 19.79 -2.37 21.78
CA GLN B 250 19.97 -3.16 22.98
C GLN B 250 21.29 -2.84 23.65
N PRO B 251 21.42 -3.09 24.96
CA PRO B 251 22.63 -2.66 25.67
C PRO B 251 23.88 -3.38 25.18
N LEU B 252 24.97 -2.63 25.13
CA LEU B 252 26.24 -3.17 24.65
C LEU B 252 26.81 -4.21 25.61
N LYS B 253 26.60 -4.02 26.91
CA LYS B 253 27.04 -4.95 27.94
C LYS B 253 28.52 -5.31 27.82
N GLY B 254 29.35 -4.28 27.65
CA GLY B 254 30.79 -4.46 27.62
C GLY B 254 31.36 -4.84 26.27
N ARG B 255 30.54 -5.07 25.27
CA ARG B 255 31.06 -5.38 23.94
C ARG B 255 31.78 -4.16 23.36
N THR B 256 32.69 -4.44 22.44
CA THR B 256 33.47 -3.41 21.75
C THR B 256 33.05 -3.35 20.28
N VAL B 257 32.74 -2.16 19.80
CA VAL B 257 32.52 -1.96 18.36
C VAL B 257 33.85 -1.57 17.75
N ARG B 258 34.35 -2.39 16.84
CA ARG B 258 35.62 -2.17 16.17
C ARG B 258 35.40 -1.48 14.83
N ALA B 259 36.34 -0.61 14.46
CA ALA B 259 36.27 0.14 13.22
C ALA B 259 37.37 -0.32 12.26
N SER B 260 37.02 -0.42 10.98
CA SER B 260 38.01 -0.78 9.97
C SER B 260 38.79 0.44 9.49
N PHE B 261 38.35 1.63 9.91
CA PHE B 261 38.78 2.85 9.31
C PHE B 261 39.12 3.87 10.38
ZN ZN C . -18.40 9.30 -5.74
C10 O5K D . -18.58 14.00 -6.53
C12 O5K D . -17.93 17.38 -9.85
C15 O5K D . -17.82 19.51 -11.18
C16 O5K D . -17.23 20.85 -10.74
C18 O5K D . -16.54 23.02 -11.40
C19 O5K D . -17.63 23.96 -10.91
C05 O5K D . -19.19 13.07 -7.34
C06 O5K D . -19.17 13.21 -8.73
C07 O5K D . -18.53 14.29 -9.30
C08 O5K D . -17.93 15.23 -8.48
C09 O5K D . -17.93 15.08 -7.11
C20 O5K D . -18.95 23.66 -11.20
C21 O5K D . -19.97 24.50 -10.78
C22 O5K D . -19.65 25.65 -10.07
C24 O5K D . -18.32 25.96 -9.79
C25 O5K D . -17.31 25.10 -10.21
F23 O5K D . -20.65 26.48 -9.64
N01 O5K D . -19.12 11.01 -5.35
N11 O5K D . -17.24 16.37 -9.07
N14 O5K D . -17.16 18.49 -10.40
N17 O5K D . -17.19 21.79 -11.84
O03 O5K D . -21.37 12.30 -5.91
O04 O5K D . -20.34 10.60 -7.80
O13 O5K D . -19.10 17.35 -10.03
S02 O5K D . -20.04 11.67 -6.60
ZN ZN E . 17.31 -8.04 9.57
C10 O5K F . 16.90 -12.38 11.27
C12 O5K F . 14.88 -15.75 9.25
C15 O5K F . 12.96 -17.26 8.65
C16 O5K F . 12.66 -18.51 9.46
C18 O5K F . 14.35 -19.99 10.17
C19 O5K F . 15.70 -19.29 10.26
C05 O5K F . 17.99 -11.90 10.57
C06 O5K F . 18.52 -12.61 9.50
C07 O5K F . 17.96 -13.81 9.13
C08 O5K F . 16.87 -14.30 9.82
C09 O5K F . 16.35 -13.59 10.90
C20 O5K F . 16.04 -18.57 11.40
C21 O5K F . 17.26 -17.94 11.49
C22 O5K F . 18.14 -18.00 10.43
C24 O5K F . 17.83 -18.72 9.30
C25 O5K F . 16.60 -19.36 9.20
F23 O5K F . 19.35 -17.37 10.53
N01 O5K F . 17.47 -9.20 11.12
N11 O5K F . 16.32 -15.56 9.38
N14 O5K F . 14.38 -17.03 8.77
N17 O5K F . 13.58 -19.55 9.03
O03 O5K F . 19.46 -10.42 12.43
O04 O5K F . 19.75 -9.95 9.79
O13 O5K F . 14.07 -14.92 9.52
S02 O5K F . 18.74 -10.33 10.99
#